data_3QIC
#
_entry.id   3QIC
#
_cell.length_a   80.740
_cell.length_b   80.740
_cell.length_c   178.410
_cell.angle_alpha   90.00
_cell.angle_beta   90.00
_cell.angle_gamma   90.00
#
_symmetry.space_group_name_H-M   'P 43 21 2'
#
loop_
_entity.id
_entity.type
_entity.pdbx_description
1 polymer Glucokinase
2 non-polymer alpha-D-glucopyranose
3 non-polymer GLYCEROL
4 water water
#
_entity_poly.entity_id   1
_entity_poly.type   'polypeptide(L)'
_entity_poly.pdbx_seq_one_letter_code
;MGHHHHHHENLYFQGMKKEKVEQILAEFQLQEEDLKKVMRRMQKEMDRGLRLETHEEASVKMLPTYVRSTPEGSEVGDFL
SLDLGGTNFRVMLVKVGEGEEGQWSVKTKHQMYSIPEDAMTGTAEMLFDYISECISDFLDKHQMKHKKLPLGFTFSFPVR
HEDIDKGILLNWTKGFKASGAEGNNVVGLLRDAIKRRGDFEMDVVAMVNDTVATMISCYYEDHQCEVGMIVGTGCNACYM
EEMQNVELVEGDEGRMCVNTEWGAFGDSGELDEFLLEYDRLVDESSANPGQQLYEKLIGGKYMGELVRLVLLRLVDENLL
FHGEASEQLRTRGAFETRFVSQVKSDTGDRKQIYNILSTLGLRPSTTDCDIVRRACESVSTRAAHMCSAGLAGVINRMRE
SRSEDVMRITVGVDG(SEP)VYKLHPSFKERFHASVRRLTPSCEITFIESEEGSGRGAALVSAVACKKACMLGQ
;
_entity_poly.pdbx_strand_id   A
#
# COMPACT_ATOMS: atom_id res chain seq x y z
N TYR A 12 -42.42 3.96 -10.25
CA TYR A 12 -42.15 3.13 -9.07
C TYR A 12 -41.30 3.80 -7.97
N PHE A 13 -41.66 3.50 -6.74
CA PHE A 13 -41.07 4.07 -5.54
C PHE A 13 -39.59 3.69 -5.35
N GLN A 14 -39.26 2.41 -5.49
CA GLN A 14 -37.88 2.00 -5.24
C GLN A 14 -36.98 2.61 -6.31
N GLY A 15 -37.50 2.69 -7.53
CA GLY A 15 -36.80 3.39 -8.58
C GLY A 15 -36.57 4.86 -8.25
N MET A 16 -37.55 5.50 -7.60
CA MET A 16 -37.42 6.93 -7.30
C MET A 16 -36.28 7.16 -6.30
N LYS A 17 -36.20 6.27 -5.32
CA LYS A 17 -35.14 6.33 -4.33
C LYS A 17 -33.77 6.13 -4.98
N LYS A 18 -33.67 5.18 -5.90
CA LYS A 18 -32.41 4.86 -6.54
C LYS A 18 -31.93 5.96 -7.47
N GLU A 19 -32.85 6.59 -8.20
CA GLU A 19 -32.48 7.77 -8.98
C GLU A 19 -31.88 8.85 -8.09
N LYS A 20 -32.53 9.14 -6.97
CA LYS A 20 -31.98 10.14 -6.06
C LYS A 20 -30.62 9.73 -5.50
N VAL A 21 -30.45 8.44 -5.23
CA VAL A 21 -29.17 7.93 -4.78
C VAL A 21 -28.09 8.15 -5.83
N GLU A 22 -28.43 7.82 -7.07
CA GLU A 22 -27.51 7.96 -8.18
C GLU A 22 -27.03 9.39 -8.39
N GLN A 23 -27.88 10.37 -8.08
CA GLN A 23 -27.51 11.78 -8.24
C GLN A 23 -26.55 12.22 -7.14
N ILE A 24 -26.67 11.59 -5.98
CA ILE A 24 -25.73 11.83 -4.90
C ILE A 24 -24.39 11.14 -5.17
N LEU A 25 -24.43 10.01 -5.86
CA LEU A 25 -23.23 9.22 -6.10
C LEU A 25 -22.50 9.65 -7.37
N ALA A 26 -23.17 10.41 -8.23
CA ALA A 26 -22.55 10.89 -9.46
C ALA A 26 -21.31 11.75 -9.15
N GLU A 27 -21.37 12.45 -8.03
CA GLU A 27 -20.23 13.17 -7.47
C GLU A 27 -18.91 12.38 -7.49
N PHE A 28 -18.99 11.05 -7.38
CA PHE A 28 -17.80 10.19 -7.37
C PHE A 28 -17.22 9.91 -8.75
N GLN A 29 -17.90 10.35 -9.81
CA GLN A 29 -17.43 10.06 -11.17
C GLN A 29 -16.12 10.78 -11.49
N LEU A 30 -15.28 10.16 -12.31
CA LEU A 30 -14.11 10.86 -12.82
C LEU A 30 -14.01 10.65 -14.33
N GLN A 31 -14.18 11.72 -15.07
CA GLN A 31 -14.04 11.66 -16.51
C GLN A 31 -12.58 11.44 -16.90
N GLU A 32 -12.36 10.96 -18.13
CA GLU A 32 -11.03 10.66 -18.60
C GLU A 32 -10.12 11.88 -18.50
N GLU A 33 -10.67 13.04 -18.78
CA GLU A 33 -9.89 14.28 -18.71
C GLU A 33 -9.54 14.64 -17.27
N ASP A 34 -10.35 14.20 -16.32
CA ASP A 34 -10.06 14.43 -14.90
C ASP A 34 -8.86 13.60 -14.51
N LEU A 35 -8.79 12.41 -15.10
CA LEU A 35 -7.74 11.46 -14.76
C LEU A 35 -6.40 11.84 -15.42
N LYS A 36 -6.47 12.32 -16.65
CA LYS A 36 -5.28 12.83 -17.32
C LYS A 36 -4.73 14.04 -16.58
N LYS A 37 -5.60 14.93 -16.16
CA LYS A 37 -5.20 16.06 -15.33
C LYS A 37 -4.44 15.57 -14.06
N VAL A 38 -5.04 14.64 -13.32
CA VAL A 38 -4.38 14.04 -12.14
C VAL A 38 -3.05 13.36 -12.53
N MET A 39 -3.07 12.58 -13.61
CA MET A 39 -1.85 11.92 -14.05
C MET A 39 -0.72 12.91 -14.35
N ARG A 40 -1.04 14.01 -15.03
CA ARG A 40 0.00 14.97 -15.39
C ARG A 40 0.52 15.69 -14.16
N ARG A 41 -0.37 16.05 -13.25
CA ARG A 41 0.03 16.65 -11.99
C ARG A 41 0.94 15.73 -11.16
N MET A 42 0.59 14.45 -11.10
CA MET A 42 1.43 13.44 -10.46
C MET A 42 2.84 13.42 -11.08
N GLN A 43 2.92 13.51 -12.41
CA GLN A 43 4.21 13.50 -13.12
C GLN A 43 5.07 14.70 -12.79
N LYS A 44 4.44 15.87 -12.72
CA LYS A 44 5.14 17.06 -12.24
C LYS A 44 5.70 16.90 -10.82
N GLU A 45 4.94 16.27 -9.91
CA GLU A 45 5.46 16.09 -8.56
C GLU A 45 6.62 15.08 -8.52
N MET A 46 6.51 14.04 -9.34
CA MET A 46 7.59 13.07 -9.45
C MET A 46 8.87 13.76 -9.92
N ASP A 47 8.76 14.56 -10.98
CA ASP A 47 9.91 15.32 -11.48
C ASP A 47 10.55 16.11 -10.36
N ARG A 48 9.72 16.86 -9.63
CA ARG A 48 10.20 17.67 -8.53
C ARG A 48 10.85 16.88 -7.39
N GLY A 49 10.36 15.66 -7.13
CA GLY A 49 10.88 14.87 -6.02
C GLY A 49 12.27 14.32 -6.35
N LEU A 50 12.53 14.12 -7.64
CA LEU A 50 13.80 13.56 -8.09
C LEU A 50 14.96 14.56 -8.16
N ARG A 51 14.66 15.86 -8.06
CA ARG A 51 15.67 16.89 -8.25
C ARG A 51 16.12 17.52 -6.95
N LEU A 52 17.43 17.74 -6.82
CA LEU A 52 18.01 18.21 -5.58
C LEU A 52 17.34 19.49 -5.06
N GLU A 53 17.11 20.43 -5.97
CA GLU A 53 16.63 21.77 -5.60
C GLU A 53 15.17 21.80 -5.14
N THR A 54 14.35 20.90 -5.68
CA THR A 54 12.92 20.84 -5.35
C THR A 54 12.52 19.66 -4.47
N HIS A 55 13.46 18.77 -4.18
CA HIS A 55 13.17 17.54 -3.44
C HIS A 55 12.60 17.79 -2.06
N GLU A 56 13.08 18.83 -1.39
CA GLU A 56 12.65 19.08 -0.03
C GLU A 56 11.19 19.57 0.02
N GLU A 57 10.72 20.16 -1.08
CA GLU A 57 9.38 20.74 -1.11
C GLU A 57 8.38 19.90 -1.90
N ALA A 58 8.86 18.84 -2.56
CA ALA A 58 7.98 17.95 -3.31
C ALA A 58 7.01 17.22 -2.36
N SER A 59 5.78 17.05 -2.81
CA SER A 59 4.82 16.29 -2.03
C SER A 59 5.16 14.80 -2.21
N VAL A 60 5.49 14.44 -3.44
CA VAL A 60 5.96 13.11 -3.83
C VAL A 60 7.49 13.02 -3.75
N LYS A 61 7.95 12.31 -2.72
CA LYS A 61 9.35 12.30 -2.32
C LYS A 61 10.33 11.49 -3.18
N MET A 62 9.85 10.50 -3.92
CA MET A 62 10.74 9.72 -4.79
C MET A 62 12.04 9.34 -4.05
N LEU A 63 11.92 8.52 -3.01
CA LEU A 63 13.10 8.17 -2.21
C LEU A 63 13.95 7.09 -2.86
N PRO A 64 15.28 7.31 -2.96
CA PRO A 64 16.18 6.25 -3.44
C PRO A 64 16.20 5.07 -2.45
N THR A 65 16.16 3.84 -2.97
CA THR A 65 16.09 2.66 -2.10
C THR A 65 17.42 1.91 -2.04
N TYR A 66 18.34 2.26 -2.93
CA TYR A 66 19.64 1.59 -3.03
C TYR A 66 19.53 0.14 -3.50
N VAL A 67 18.34 -0.23 -3.95
CA VAL A 67 18.13 -1.48 -4.70
C VAL A 67 18.45 -1.23 -6.17
N ARG A 68 19.56 -1.81 -6.64
CA ARG A 68 20.09 -1.55 -7.99
C ARG A 68 19.85 -2.69 -8.98
N SER A 69 19.86 -2.37 -10.27
CA SER A 69 19.60 -3.38 -11.31
C SER A 69 20.82 -4.28 -11.56
N THR A 70 22.00 -3.80 -11.16
CA THR A 70 23.22 -4.58 -11.30
C THR A 70 23.05 -6.02 -10.81
N PRO A 71 23.31 -6.98 -11.71
CA PRO A 71 23.41 -8.38 -11.27
C PRO A 71 24.43 -8.45 -10.13
N GLU A 72 24.03 -9.04 -9.00
CA GLU A 72 24.82 -8.94 -7.79
C GLU A 72 24.90 -10.25 -7.02
N GLY A 73 26.07 -10.52 -6.45
CA GLY A 73 26.31 -11.76 -5.75
C GLY A 73 25.40 -11.98 -4.55
N SER A 74 24.91 -13.21 -4.43
CA SER A 74 24.00 -13.56 -3.34
C SER A 74 24.40 -14.81 -2.57
N GLU A 75 24.28 -14.72 -1.25
CA GLU A 75 24.36 -15.90 -0.40
C GLU A 75 23.11 -16.76 -0.61
N VAL A 76 23.05 -17.87 0.12
CA VAL A 76 21.90 -18.76 0.09
C VAL A 76 21.67 -19.28 1.50
N GLY A 77 20.53 -19.92 1.73
CA GLY A 77 20.21 -20.42 3.06
C GLY A 77 18.90 -19.88 3.62
N ASP A 78 18.81 -19.81 4.94
CA ASP A 78 17.60 -19.40 5.62
C ASP A 78 17.63 -17.95 6.13
N PHE A 79 16.53 -17.24 5.92
CA PHE A 79 16.41 -15.85 6.37
C PHE A 79 15.12 -15.59 7.11
N LEU A 80 15.18 -14.82 8.19
CA LEU A 80 13.99 -14.32 8.85
C LEU A 80 13.52 -13.08 8.14
N SER A 81 12.25 -13.02 7.77
CA SER A 81 11.67 -11.81 7.22
C SER A 81 10.61 -11.28 8.16
N LEU A 82 10.70 -10.00 8.46
CA LEU A 82 9.70 -9.33 9.26
C LEU A 82 8.95 -8.40 8.34
N ASP A 83 7.67 -8.23 8.60
CA ASP A 83 6.86 -7.33 7.78
C ASP A 83 5.93 -6.51 8.65
N LEU A 84 6.26 -5.22 8.77
CA LEU A 84 5.47 -4.26 9.52
C LEU A 84 4.89 -3.18 8.61
N GLY A 85 3.59 -2.94 8.72
CA GLY A 85 2.97 -1.80 8.04
C GLY A 85 1.65 -2.10 7.35
N GLY A 86 1.27 -3.39 7.33
CA GLY A 86 -0.02 -3.81 6.82
C GLY A 86 -1.01 -3.91 7.98
N THR A 87 -1.98 -4.80 7.83
CA THR A 87 -2.94 -5.07 8.90
C THR A 87 -2.22 -5.63 10.13
N ASN A 88 -1.45 -6.69 9.91
CA ASN A 88 -0.77 -7.34 11.00
C ASN A 88 0.74 -7.25 10.85
N PHE A 89 1.45 -7.69 11.87
CA PHE A 89 2.89 -7.83 11.79
C PHE A 89 3.14 -9.29 11.44
N ARG A 90 3.99 -9.55 10.47
CA ARG A 90 4.21 -10.92 10.03
C ARG A 90 5.68 -11.31 10.18
N VAL A 91 5.89 -12.54 10.64
CA VAL A 91 7.22 -13.12 10.79
C VAL A 91 7.31 -14.38 9.93
N MET A 92 8.37 -14.48 9.15
CA MET A 92 8.44 -15.51 8.13
C MET A 92 9.85 -16.10 8.00
N LEU A 93 9.95 -17.41 7.96
CA LEU A 93 11.22 -18.03 7.59
C LEU A 93 11.21 -18.22 6.08
N VAL A 94 12.25 -17.73 5.41
CA VAL A 94 12.34 -17.83 3.96
C VAL A 94 13.61 -18.53 3.52
N LYS A 95 13.49 -19.47 2.59
CA LYS A 95 14.67 -20.11 2.03
C LYS A 95 14.99 -19.51 0.67
N VAL A 96 16.23 -19.07 0.55
CA VAL A 96 16.74 -18.53 -0.69
C VAL A 96 17.77 -19.53 -1.24
N GLY A 97 17.64 -19.86 -2.52
CA GLY A 97 18.60 -20.76 -3.14
C GLY A 97 18.85 -20.38 -4.59
N GLU A 98 19.94 -20.90 -5.14
CA GLU A 98 20.25 -20.67 -6.55
C GLU A 98 19.56 -21.69 -7.46
N GLY A 99 19.01 -21.20 -8.56
CA GLY A 99 18.34 -22.04 -9.53
C GLY A 99 19.10 -22.03 -10.85
N GLU A 100 18.74 -22.94 -11.75
CA GLU A 100 19.40 -23.04 -13.05
C GLU A 100 19.40 -21.70 -13.79
N GLU A 101 18.43 -20.85 -13.46
CA GLU A 101 18.36 -19.50 -14.01
C GLU A 101 18.96 -18.47 -13.04
N GLY A 102 18.15 -18.03 -12.09
CA GLY A 102 18.59 -17.05 -11.09
C GLY A 102 18.49 -17.54 -9.65
N GLN A 103 17.89 -16.71 -8.81
CA GLN A 103 17.79 -16.99 -7.37
C GLN A 103 16.34 -17.12 -7.00
N TRP A 104 15.88 -18.34 -6.70
CA TRP A 104 14.49 -18.54 -6.25
C TRP A 104 14.35 -18.23 -4.76
N SER A 105 13.13 -17.96 -4.31
CA SER A 105 12.85 -17.82 -2.89
C SER A 105 11.56 -18.54 -2.54
N VAL A 106 11.52 -19.11 -1.34
CA VAL A 106 10.40 -19.94 -0.93
C VAL A 106 10.05 -19.70 0.54
N LYS A 107 8.81 -19.34 0.82
CA LYS A 107 8.36 -19.22 2.21
C LYS A 107 8.26 -20.59 2.87
N THR A 108 8.86 -20.69 4.03
CA THR A 108 8.99 -21.96 4.73
C THR A 108 8.04 -22.02 5.92
N LYS A 109 8.06 -20.97 6.72
CA LYS A 109 7.20 -20.85 7.88
C LYS A 109 6.68 -19.42 7.94
N HIS A 110 5.58 -19.22 8.67
CA HIS A 110 4.93 -17.93 8.73
C HIS A 110 3.95 -17.86 9.90
N GLN A 111 3.91 -16.71 10.56
CA GLN A 111 2.91 -16.42 11.56
C GLN A 111 2.56 -14.94 11.51
N MET A 112 1.26 -14.65 11.64
CA MET A 112 0.75 -13.28 11.66
C MET A 112 0.39 -12.88 13.08
N TYR A 113 0.66 -11.63 13.42
CA TYR A 113 0.36 -11.11 14.74
C TYR A 113 -0.40 -9.80 14.63
N SER A 114 -1.48 -9.67 15.39
CA SER A 114 -2.17 -8.40 15.49
C SER A 114 -1.40 -7.55 16.44
N ILE A 115 -1.55 -6.25 16.29
CA ILE A 115 -0.86 -5.31 17.15
C ILE A 115 -1.92 -4.53 17.91
N PRO A 116 -1.91 -4.65 19.24
CA PRO A 116 -2.92 -3.95 20.03
C PRO A 116 -2.75 -2.44 19.90
N GLU A 117 -3.85 -1.70 19.97
CA GLU A 117 -3.85 -0.26 19.75
C GLU A 117 -2.80 0.47 20.60
N ASP A 118 -2.60 0.00 21.83
CA ASP A 118 -1.67 0.66 22.74
C ASP A 118 -0.22 0.60 22.22
N ALA A 119 0.22 -0.61 21.84
CA ALA A 119 1.59 -0.80 21.36
C ALA A 119 1.86 0.06 20.15
N MET A 120 0.82 0.75 19.70
CA MET A 120 0.80 1.44 18.41
C MET A 120 0.93 2.95 18.52
N THR A 121 0.48 3.46 19.65
CA THR A 121 0.32 4.89 19.87
C THR A 121 1.01 5.28 21.17
N GLY A 122 1.83 4.38 21.68
CA GLY A 122 2.72 4.67 22.79
C GLY A 122 4.04 5.20 22.27
N THR A 123 5.13 4.63 22.78
CA THR A 123 6.48 5.02 22.36
C THR A 123 7.05 4.05 21.31
N ALA A 124 8.07 4.49 20.58
CA ALA A 124 8.75 3.64 19.62
C ALA A 124 9.20 2.40 20.31
N GLU A 125 9.66 2.57 21.54
CA GLU A 125 10.23 1.47 22.31
C GLU A 125 9.21 0.37 22.61
N MET A 126 8.00 0.76 23.01
CA MET A 126 6.91 -0.20 23.23
C MET A 126 6.63 -1.00 21.96
N LEU A 127 6.44 -0.27 20.86
CA LEU A 127 6.17 -0.88 19.56
C LEU A 127 7.20 -1.93 19.19
N PHE A 128 8.48 -1.57 19.26
CA PHE A 128 9.52 -2.52 18.88
C PHE A 128 9.74 -3.65 19.87
N ASP A 129 9.47 -3.38 21.14
CA ASP A 129 9.43 -4.42 22.16
C ASP A 129 8.34 -5.42 21.79
N TYR A 130 7.17 -4.92 21.41
CA TYR A 130 6.08 -5.80 21.00
C TYR A 130 6.52 -6.66 19.82
N ILE A 131 7.09 -6.01 18.81
CA ILE A 131 7.64 -6.70 17.65
C ILE A 131 8.60 -7.81 18.08
N SER A 132 9.42 -7.50 19.09
CA SER A 132 10.45 -8.44 19.52
C SER A 132 9.80 -9.65 20.19
N GLU A 133 8.74 -9.41 20.96
CA GLU A 133 8.02 -10.52 21.61
C GLU A 133 7.47 -11.48 20.56
N CYS A 134 6.89 -10.93 19.48
CA CYS A 134 6.33 -11.77 18.43
C CYS A 134 7.41 -12.59 17.76
N ILE A 135 8.56 -11.96 17.48
CA ILE A 135 9.67 -12.70 16.87
C ILE A 135 10.08 -13.85 17.79
N SER A 136 10.13 -13.56 19.08
CA SER A 136 10.52 -14.55 20.09
C SER A 136 9.55 -15.72 20.09
N ASP A 137 8.26 -15.39 20.18
CA ASP A 137 7.19 -16.38 20.06
C ASP A 137 7.31 -17.30 18.84
N PHE A 138 7.68 -16.73 17.70
CA PHE A 138 7.81 -17.50 16.46
C PHE A 138 9.07 -18.38 16.52
N LEU A 139 10.15 -17.86 17.10
CA LEU A 139 11.36 -18.64 17.29
C LEU A 139 11.06 -19.81 18.22
N ASP A 140 10.38 -19.52 19.33
CA ASP A 140 9.94 -20.57 20.25
C ASP A 140 9.15 -21.67 19.54
N LYS A 141 8.18 -21.26 18.74
CA LYS A 141 7.35 -22.25 18.06
C LYS A 141 8.19 -23.20 17.21
N HIS A 142 9.25 -22.71 16.60
CA HIS A 142 9.98 -23.58 15.69
C HIS A 142 11.32 -24.02 16.28
N GLN A 143 11.45 -23.82 17.59
CA GLN A 143 12.67 -24.13 18.35
C GLN A 143 13.90 -23.79 17.54
N MET A 144 14.14 -22.50 17.39
CA MET A 144 15.29 -22.01 16.65
C MET A 144 15.69 -20.67 17.22
N LYS A 145 15.41 -20.47 18.51
CA LYS A 145 15.88 -19.31 19.25
C LYS A 145 17.40 -19.31 19.32
N HIS A 146 17.99 -20.50 19.18
CA HIS A 146 19.43 -20.66 19.26
C HIS A 146 20.11 -20.13 18.01
N LYS A 147 19.50 -20.36 16.85
CA LYS A 147 20.08 -19.91 15.59
C LYS A 147 20.20 -18.39 15.54
N LYS A 148 21.21 -17.91 14.81
CA LYS A 148 21.38 -16.49 14.57
C LYS A 148 21.27 -16.30 13.08
N LEU A 149 20.15 -15.73 12.63
CA LEU A 149 19.89 -15.60 11.21
C LEU A 149 20.10 -14.19 10.69
N PRO A 150 20.33 -14.07 9.39
CA PRO A 150 20.23 -12.77 8.72
C PRO A 150 18.74 -12.40 8.58
N LEU A 151 18.40 -11.21 9.04
CA LEU A 151 17.02 -10.77 9.06
C LEU A 151 16.79 -9.67 8.04
N GLY A 152 15.68 -9.75 7.33
CA GLY A 152 15.29 -8.72 6.39
C GLY A 152 14.01 -8.11 6.92
N PHE A 153 13.91 -6.79 6.83
CA PHE A 153 12.82 -6.06 7.45
C PHE A 153 12.06 -5.30 6.37
N THR A 154 10.89 -5.80 6.00
CA THR A 154 9.96 -5.00 5.22
C THR A 154 9.25 -4.03 6.17
N PHE A 155 9.57 -2.77 6.03
CA PHE A 155 9.05 -1.73 6.92
C PHE A 155 8.37 -0.70 6.00
N SER A 156 7.05 -0.71 5.99
CA SER A 156 6.33 -0.01 4.92
C SER A 156 5.89 1.41 5.26
N PHE A 157 6.86 2.28 5.49
CA PHE A 157 6.61 3.70 5.75
C PHE A 157 7.74 4.46 5.06
N PRO A 158 7.58 5.79 4.93
CA PRO A 158 8.56 6.66 4.26
C PRO A 158 9.88 6.66 4.99
N VAL A 159 10.93 6.18 4.36
CA VAL A 159 12.22 6.12 5.00
C VAL A 159 13.27 6.79 4.14
N ARG A 160 14.14 7.59 4.77
CA ARG A 160 15.28 8.07 4.03
C ARG A 160 16.43 7.11 4.24
N HIS A 161 16.79 6.41 3.17
CA HIS A 161 17.90 5.48 3.17
C HIS A 161 19.21 6.21 2.92
N GLU A 162 20.24 5.75 3.60
CA GLU A 162 21.59 6.17 3.33
C GLU A 162 22.25 4.99 2.63
N ASP A 163 21.70 3.80 2.91
CA ASP A 163 22.12 2.52 2.32
C ASP A 163 20.98 1.53 2.46
N ILE A 164 21.22 0.29 2.06
CA ILE A 164 20.19 -0.75 2.12
C ILE A 164 19.79 -1.17 3.57
N ASP A 165 20.68 -0.94 4.55
CA ASP A 165 20.47 -1.44 5.92
C ASP A 165 20.43 -0.32 6.97
N LYS A 166 20.25 0.91 6.50
CA LYS A 166 20.21 2.05 7.40
C LYS A 166 19.23 3.05 6.86
N GLY A 167 18.19 3.31 7.63
CA GLY A 167 17.16 4.21 7.14
C GLY A 167 16.48 4.94 8.26
N ILE A 168 16.21 6.21 7.99
CA ILE A 168 15.56 7.09 8.94
C ILE A 168 14.10 7.16 8.59
N LEU A 169 13.25 6.97 9.59
CA LEU A 169 11.83 7.17 9.42
C LEU A 169 11.53 8.67 9.24
N LEU A 170 10.86 9.01 8.14
CA LEU A 170 10.52 10.40 7.86
C LEU A 170 9.26 10.78 8.60
N ASN A 171 8.25 9.92 8.49
CA ASN A 171 7.05 10.05 9.29
C ASN A 171 6.22 8.78 9.21
N TRP A 172 5.47 8.52 10.28
CA TRP A 172 4.48 7.46 10.27
C TRP A 172 3.39 7.80 9.28
N THR A 173 2.72 6.77 8.79
CA THR A 173 1.50 6.90 8.01
C THR A 173 0.55 5.77 8.44
N LYS A 174 -0.67 5.76 7.91
CA LYS A 174 -1.61 4.67 8.13
C LYS A 174 -2.07 4.49 9.58
N GLY A 175 -1.95 5.54 10.39
CA GLY A 175 -2.48 5.50 11.75
C GLY A 175 -1.46 5.11 12.80
N PHE A 176 -0.22 4.86 12.39
CA PHE A 176 0.86 4.66 13.35
C PHE A 176 1.23 5.99 13.99
N LYS A 177 1.55 5.96 15.28
CA LYS A 177 1.77 7.16 16.08
C LYS A 177 2.85 6.99 17.16
N ALA A 178 3.58 5.88 17.13
CA ALA A 178 4.61 5.64 18.13
C ALA A 178 5.55 6.85 18.24
N SER A 179 5.71 7.40 19.44
CA SER A 179 6.54 8.59 19.61
C SER A 179 8.03 8.24 19.68
N GLY A 180 8.87 9.20 19.30
CA GLY A 180 10.32 8.99 19.36
C GLY A 180 10.82 8.06 18.26
N ALA A 181 10.06 7.94 17.19
CA ALA A 181 10.49 7.12 16.07
C ALA A 181 10.91 7.96 14.87
N GLU A 182 10.15 9.02 14.61
CA GLU A 182 10.44 9.90 13.49
C GLU A 182 11.81 10.55 13.61
N GLY A 183 12.54 10.57 12.50
CA GLY A 183 13.88 11.12 12.48
C GLY A 183 14.92 10.14 12.99
N ASN A 184 14.51 8.97 13.46
CA ASN A 184 15.48 7.98 13.93
C ASN A 184 15.73 6.82 12.95
N ASN A 185 16.87 6.14 13.14
CA ASN A 185 17.23 4.95 12.38
C ASN A 185 16.36 3.75 12.78
N VAL A 186 15.49 3.32 11.87
CA VAL A 186 14.55 2.24 12.16
C VAL A 186 15.25 0.91 12.47
N VAL A 187 16.29 0.59 11.71
CA VAL A 187 17.06 -0.61 11.98
C VAL A 187 17.63 -0.58 13.40
N GLY A 188 17.99 0.62 13.88
CA GLY A 188 18.56 0.80 15.20
C GLY A 188 17.54 0.50 16.29
N LEU A 189 16.33 1.01 16.10
CA LEU A 189 15.22 0.75 17.00
C LEU A 189 14.96 -0.74 17.17
N LEU A 190 15.06 -1.47 16.07
CA LEU A 190 14.79 -2.90 16.07
C LEU A 190 15.93 -3.66 16.77
N ARG A 191 17.17 -3.40 16.35
CA ARG A 191 18.33 -3.96 17.04
C ARG A 191 18.28 -3.69 18.56
N ASP A 192 17.98 -2.45 18.95
CA ASP A 192 17.89 -2.13 20.37
C ASP A 192 16.83 -2.98 21.07
N ALA A 193 15.65 -3.10 20.47
CA ALA A 193 14.57 -3.87 21.10
C ALA A 193 14.95 -5.34 21.23
N ILE A 194 15.59 -5.87 20.20
CA ILE A 194 16.04 -7.25 20.25
C ILE A 194 17.13 -7.40 21.31
N LYS A 195 18.00 -6.40 21.39
CA LYS A 195 19.07 -6.38 22.39
C LYS A 195 18.44 -6.44 23.77
N ARG A 196 17.55 -5.49 24.06
CA ARG A 196 16.92 -5.39 25.37
C ARG A 196 16.31 -6.68 25.84
N ARG A 197 15.93 -7.55 24.89
CA ARG A 197 15.21 -8.77 25.24
C ARG A 197 16.15 -9.90 25.68
N GLY A 198 17.13 -10.23 24.83
CA GLY A 198 18.16 -11.16 25.21
C GLY A 198 18.06 -12.58 24.66
N ASP A 199 16.87 -13.15 24.65
CA ASP A 199 16.74 -14.59 24.40
C ASP A 199 17.00 -15.03 22.95
N PHE A 200 17.42 -14.10 22.10
CA PHE A 200 17.81 -14.48 20.74
C PHE A 200 18.66 -13.42 20.05
N GLU A 201 19.34 -13.82 18.98
CA GLU A 201 20.20 -12.90 18.26
C GLU A 201 19.90 -12.92 16.76
N MET A 202 20.07 -11.77 16.12
CA MET A 202 19.81 -11.65 14.69
C MET A 202 20.69 -10.58 14.08
N ASP A 203 21.10 -10.80 12.84
CA ASP A 203 21.84 -9.80 12.08
C ASP A 203 20.92 -9.08 11.08
N VAL A 204 20.37 -7.93 11.49
CA VAL A 204 19.55 -7.12 10.59
C VAL A 204 20.40 -6.58 9.44
N VAL A 205 20.13 -7.05 8.23
CA VAL A 205 21.03 -6.74 7.13
C VAL A 205 20.37 -5.92 6.04
N ALA A 206 19.05 -5.82 6.09
CA ALA A 206 18.36 -5.08 5.05
C ALA A 206 17.03 -4.53 5.51
N MET A 207 16.61 -3.45 4.88
CA MET A 207 15.30 -2.90 5.14
C MET A 207 14.73 -2.32 3.87
N VAL A 208 13.52 -2.72 3.53
CA VAL A 208 12.95 -2.32 2.28
C VAL A 208 11.52 -1.96 2.51
N ASN A 209 11.01 -1.13 1.61
CA ASN A 209 9.61 -0.83 1.53
C ASN A 209 8.89 -2.05 0.96
N ASP A 210 7.60 -2.21 1.28
CA ASP A 210 6.82 -3.29 0.70
C ASP A 210 6.70 -3.25 -0.84
N THR A 211 6.58 -2.06 -1.42
CA THR A 211 6.54 -1.96 -2.90
C THR A 211 7.79 -2.59 -3.49
N VAL A 212 8.94 -2.26 -2.90
CA VAL A 212 10.23 -2.77 -3.33
C VAL A 212 10.32 -4.28 -3.20
N ALA A 213 10.02 -4.80 -2.01
CA ALA A 213 10.03 -6.26 -1.76
C ALA A 213 9.20 -7.04 -2.75
N THR A 214 8.04 -6.48 -3.06
CA THR A 214 7.10 -7.09 -3.98
C THR A 214 7.68 -7.12 -5.40
N MET A 215 8.19 -5.99 -5.88
CA MET A 215 8.90 -5.95 -7.16
C MET A 215 9.98 -7.04 -7.23
N ILE A 216 10.88 -7.04 -6.25
CA ILE A 216 11.96 -8.01 -6.17
C ILE A 216 11.43 -9.44 -6.21
N SER A 217 10.40 -9.72 -5.42
CA SER A 217 9.92 -11.09 -5.31
C SER A 217 9.51 -11.61 -6.68
N CYS A 218 9.12 -10.72 -7.57
CA CYS A 218 8.62 -11.09 -8.89
C CYS A 218 9.69 -11.20 -9.98
N TYR A 219 10.94 -10.91 -9.66
CA TYR A 219 11.98 -10.84 -10.68
C TYR A 219 12.34 -12.22 -11.21
N TYR A 220 12.57 -13.17 -10.30
CA TYR A 220 12.88 -14.54 -10.70
C TYR A 220 11.92 -15.08 -11.76
N GLU A 221 10.64 -14.77 -11.64
CA GLU A 221 9.65 -15.30 -12.57
C GLU A 221 9.48 -14.45 -13.83
N ASP A 222 9.93 -13.20 -13.78
CA ASP A 222 9.75 -12.29 -14.91
C ASP A 222 10.71 -11.11 -14.83
N HIS A 223 11.78 -11.19 -15.60
CA HIS A 223 12.84 -10.20 -15.55
C HIS A 223 12.36 -8.84 -16.02
N GLN A 224 11.13 -8.77 -16.53
CA GLN A 224 10.59 -7.49 -16.97
C GLN A 224 9.88 -6.71 -15.87
N CYS A 225 9.79 -7.28 -14.66
CA CYS A 225 9.16 -6.59 -13.54
C CYS A 225 10.05 -5.47 -13.00
N GLU A 226 9.65 -4.23 -13.23
CA GLU A 226 10.45 -3.08 -12.82
C GLU A 226 9.58 -2.04 -12.11
N VAL A 227 8.35 -2.45 -11.78
CA VAL A 227 7.43 -1.63 -10.99
C VAL A 227 6.83 -2.49 -9.88
N GLY A 228 6.79 -1.96 -8.66
CA GLY A 228 6.15 -2.62 -7.55
C GLY A 228 5.02 -1.74 -7.08
N MET A 229 3.87 -2.34 -6.80
CA MET A 229 2.72 -1.57 -6.41
C MET A 229 1.98 -2.22 -5.26
N ILE A 230 1.54 -1.40 -4.31
CA ILE A 230 0.78 -1.89 -3.16
C ILE A 230 -0.55 -1.19 -3.09
N VAL A 231 -1.64 -1.94 -3.10
CA VAL A 231 -2.94 -1.38 -2.79
C VAL A 231 -3.51 -2.22 -1.65
N GLY A 232 -3.14 -1.88 -0.42
CA GLY A 232 -3.60 -2.59 0.76
C GLY A 232 -4.17 -1.58 1.74
N THR A 233 -3.84 -1.71 3.01
CA THR A 233 -4.12 -0.68 4.00
C THR A 233 -3.72 0.71 3.46
N GLY A 234 -2.53 0.79 2.88
CA GLY A 234 -2.06 2.00 2.22
C GLY A 234 -1.84 1.78 0.72
N CYS A 235 -1.34 2.81 0.02
CA CYS A 235 -1.18 2.76 -1.44
C CYS A 235 0.08 3.50 -1.88
N ASN A 236 0.93 2.81 -2.63
CA ASN A 236 2.26 3.30 -2.98
C ASN A 236 2.81 2.50 -4.18
N ALA A 237 3.92 2.97 -4.74
CA ALA A 237 4.56 2.31 -5.86
C ALA A 237 6.04 2.67 -5.89
N CYS A 238 6.86 1.72 -6.37
CA CYS A 238 8.28 1.95 -6.64
C CYS A 238 8.53 1.57 -8.10
N TYR A 239 9.63 2.06 -8.70
CA TYR A 239 9.91 1.72 -10.11
C TYR A 239 11.39 1.90 -10.35
N MET A 240 11.92 1.24 -11.40
CA MET A 240 13.35 1.34 -11.73
C MET A 240 13.64 2.58 -12.56
N GLU A 241 14.20 3.60 -11.92
CA GLU A 241 14.49 4.87 -12.58
C GLU A 241 15.90 4.85 -13.18
N GLU A 242 16.06 5.56 -14.29
CA GLU A 242 17.38 5.79 -14.90
C GLU A 242 18.30 6.46 -13.89
N MET A 243 19.41 5.80 -13.58
CA MET A 243 20.33 6.32 -12.56
C MET A 243 20.64 7.81 -12.74
N GLN A 244 20.75 8.26 -13.98
CA GLN A 244 21.06 9.67 -14.20
C GLN A 244 19.92 10.63 -13.81
N ASN A 245 18.68 10.13 -13.77
CA ASN A 245 17.55 10.93 -13.27
C ASN A 245 17.46 10.94 -11.74
N VAL A 246 18.20 10.03 -11.11
CA VAL A 246 18.27 10.04 -9.66
C VAL A 246 19.34 11.04 -9.19
N GLU A 247 18.95 12.31 -9.08
CA GLU A 247 19.92 13.35 -8.75
C GLU A 247 20.47 13.25 -7.33
N LEU A 248 19.77 12.51 -6.46
CA LEU A 248 20.16 12.39 -5.06
C LEU A 248 21.23 11.32 -4.82
N VAL A 249 21.48 10.49 -5.82
CA VAL A 249 22.48 9.44 -5.69
C VAL A 249 23.52 9.50 -6.81
N GLU A 250 24.79 9.64 -6.46
CA GLU A 250 25.87 9.67 -7.48
C GLU A 250 25.84 8.41 -8.31
N GLY A 251 26.06 8.53 -9.61
CA GLY A 251 26.05 7.38 -10.49
C GLY A 251 25.22 7.70 -11.72
N ASP A 252 25.63 7.21 -12.88
CA ASP A 252 24.90 7.55 -14.10
C ASP A 252 24.73 6.32 -14.98
N GLU A 253 24.94 5.15 -14.41
CA GLU A 253 24.79 3.91 -15.14
C GLU A 253 23.74 2.98 -14.52
N GLY A 254 22.95 2.36 -15.38
CA GLY A 254 21.95 1.43 -14.91
C GLY A 254 20.83 2.16 -14.20
N ARG A 255 20.15 1.44 -13.32
CA ARG A 255 18.90 1.90 -12.73
C ARG A 255 18.89 1.68 -11.22
N MET A 256 18.10 2.49 -10.54
CA MET A 256 17.84 2.25 -9.13
C MET A 256 16.35 2.33 -8.86
N CYS A 257 15.87 1.44 -7.98
CA CYS A 257 14.51 1.49 -7.50
C CYS A 257 14.25 2.76 -6.73
N VAL A 258 13.23 3.49 -7.16
CA VAL A 258 12.78 4.68 -6.47
C VAL A 258 11.45 4.40 -5.77
N ASN A 259 11.37 4.74 -4.49
CA ASN A 259 10.13 4.63 -3.75
C ASN A 259 9.36 5.96 -3.83
N THR A 260 8.31 6.00 -4.64
CA THR A 260 7.64 7.27 -4.86
C THR A 260 7.05 7.87 -3.59
N GLU A 261 6.47 7.03 -2.73
CA GLU A 261 5.64 7.52 -1.64
C GLU A 261 4.53 8.41 -2.18
N TRP A 262 3.91 7.96 -3.26
CA TRP A 262 2.90 8.76 -3.92
C TRP A 262 1.61 8.98 -3.09
N GLY A 263 1.50 8.31 -1.94
CA GLY A 263 0.34 8.50 -1.10
C GLY A 263 0.22 9.96 -0.65
N ALA A 264 1.36 10.66 -0.58
CA ALA A 264 1.39 12.06 -0.12
C ALA A 264 1.08 13.02 -1.25
N PHE A 265 0.94 12.50 -2.45
CA PHE A 265 0.46 13.38 -3.51
C PHE A 265 -0.85 14.07 -3.03
N GLY A 266 -0.94 15.37 -3.29
CA GLY A 266 -2.13 16.13 -2.91
C GLY A 266 -1.87 16.91 -1.64
N ASP A 267 -0.79 16.57 -0.95
CA ASP A 267 -0.48 17.23 0.32
C ASP A 267 -0.12 18.72 0.13
N SER A 268 0.03 19.16 -1.11
CA SER A 268 0.28 20.57 -1.38
C SER A 268 -0.80 21.20 -2.27
N GLY A 269 -2.03 20.65 -2.21
CA GLY A 269 -3.17 21.20 -2.93
C GLY A 269 -3.52 20.56 -4.26
N GLU A 270 -2.63 19.70 -4.75
CA GLU A 270 -2.77 19.10 -6.09
C GLU A 270 -4.13 18.44 -6.37
N LEU A 271 -4.86 18.06 -5.31
CA LEU A 271 -6.12 17.32 -5.51
C LEU A 271 -7.35 18.11 -5.07
N ASP A 272 -7.14 19.35 -4.61
CA ASP A 272 -8.20 20.12 -3.97
C ASP A 272 -9.55 20.12 -4.70
N GLU A 273 -9.52 20.16 -6.02
CA GLU A 273 -10.74 20.23 -6.81
C GLU A 273 -11.49 18.89 -6.87
N PHE A 274 -10.86 17.81 -6.43
CA PHE A 274 -11.48 16.50 -6.53
C PHE A 274 -12.00 16.00 -5.19
N LEU A 275 -11.50 16.60 -4.10
CA LEU A 275 -11.91 16.18 -2.78
C LEU A 275 -13.40 16.40 -2.55
N LEU A 276 -14.05 15.39 -1.96
CA LEU A 276 -15.47 15.49 -1.60
C LEU A 276 -15.57 15.71 -0.10
N GLU A 277 -16.76 16.01 0.38
CA GLU A 277 -16.90 16.26 1.82
C GLU A 277 -16.55 15.02 2.63
N TYR A 278 -16.84 13.85 2.07
CA TYR A 278 -16.52 12.60 2.75
C TYR A 278 -15.01 12.50 2.93
N ASP A 279 -14.26 12.82 1.89
CA ASP A 279 -12.81 12.88 1.97
C ASP A 279 -12.30 13.82 3.06
N ARG A 280 -12.80 15.05 3.05
CA ARG A 280 -12.36 16.04 4.03
C ARG A 280 -12.69 15.56 5.45
N LEU A 281 -13.85 14.94 5.61
CA LEU A 281 -14.25 14.39 6.90
C LEU A 281 -13.28 13.30 7.36
N VAL A 282 -12.97 12.37 6.46
CA VAL A 282 -12.04 11.28 6.79
C VAL A 282 -10.66 11.82 7.16
N ASP A 283 -10.17 12.75 6.34
CA ASP A 283 -8.89 13.38 6.63
C ASP A 283 -8.91 14.11 7.98
N GLU A 284 -9.94 14.91 8.22
CA GLU A 284 -9.99 15.72 9.44
C GLU A 284 -10.02 14.87 10.69
N SER A 285 -10.68 13.71 10.63
CA SER A 285 -10.74 12.81 11.79
C SER A 285 -9.59 11.79 11.90
N SER A 286 -8.66 11.80 10.94
CA SER A 286 -7.56 10.82 10.92
C SER A 286 -6.39 11.18 11.85
N ALA A 287 -5.44 10.25 11.98
CA ALA A 287 -4.26 10.46 12.82
C ALA A 287 -3.25 11.43 12.20
N ASN A 288 -3.40 11.70 10.90
CA ASN A 288 -2.43 12.49 10.16
C ASN A 288 -3.13 13.45 9.22
N PRO A 289 -3.89 14.40 9.78
CA PRO A 289 -4.72 15.31 8.97
C PRO A 289 -3.86 16.14 8.04
N GLY A 290 -4.31 16.35 6.80
CA GLY A 290 -3.52 17.06 5.81
C GLY A 290 -2.46 16.21 5.13
N GLN A 291 -2.22 15.00 5.63
CA GLN A 291 -1.21 14.13 5.01
C GLN A 291 -1.79 12.89 4.32
N GLN A 292 -1.08 12.39 3.31
CA GLN A 292 -1.46 11.15 2.64
C GLN A 292 -2.83 11.26 1.99
N LEU A 293 -3.08 12.39 1.34
CA LEU A 293 -4.42 12.67 0.82
C LEU A 293 -4.78 11.77 -0.36
N TYR A 294 -3.80 11.48 -1.21
CA TYR A 294 -4.05 10.58 -2.33
C TYR A 294 -4.38 9.18 -1.82
N GLU A 295 -3.54 8.69 -0.92
CA GLU A 295 -3.73 7.37 -0.30
C GLU A 295 -5.13 7.26 0.33
N LYS A 296 -5.58 8.35 0.95
CA LYS A 296 -6.88 8.39 1.60
C LYS A 296 -8.05 8.22 0.65
N LEU A 297 -7.82 8.41 -0.65
CA LEU A 297 -8.87 8.19 -1.63
C LEU A 297 -8.93 6.74 -2.07
N ILE A 298 -7.88 5.98 -1.74
CA ILE A 298 -7.67 4.64 -2.30
C ILE A 298 -7.51 3.55 -1.23
N GLY A 299 -6.73 3.87 -0.20
CA GLY A 299 -6.28 2.86 0.75
C GLY A 299 -7.36 2.14 1.52
N GLY A 300 -7.12 0.86 1.81
CA GLY A 300 -8.06 0.06 2.57
C GLY A 300 -8.24 0.54 4.00
N LYS A 301 -7.27 1.29 4.50
CA LYS A 301 -7.44 1.93 5.80
C LYS A 301 -8.61 2.93 5.80
N TYR A 302 -8.92 3.50 4.64
CA TYR A 302 -9.88 4.60 4.54
C TYR A 302 -11.14 4.27 3.78
N MET A 303 -11.10 3.20 2.98
CA MET A 303 -12.18 2.94 2.02
C MET A 303 -13.53 2.65 2.71
N GLY A 304 -13.51 1.80 3.73
CA GLY A 304 -14.72 1.47 4.45
C GLY A 304 -15.33 2.67 5.13
N GLU A 305 -14.46 3.53 5.67
CA GLU A 305 -14.91 4.71 6.37
C GLU A 305 -15.57 5.72 5.43
N LEU A 306 -15.06 5.83 4.21
CA LEU A 306 -15.68 6.68 3.20
C LEU A 306 -17.09 6.19 2.90
N VAL A 307 -17.22 4.87 2.74
CA VAL A 307 -18.50 4.24 2.51
C VAL A 307 -19.44 4.56 3.64
N ARG A 308 -18.96 4.47 4.88
CA ARG A 308 -19.79 4.76 6.04
C ARG A 308 -20.33 6.18 5.96
N LEU A 309 -19.48 7.14 5.58
CA LEU A 309 -19.93 8.51 5.51
C LEU A 309 -20.95 8.69 4.39
N VAL A 310 -20.79 7.96 3.28
CA VAL A 310 -21.76 8.06 2.20
C VAL A 310 -23.13 7.51 2.65
N LEU A 311 -23.11 6.33 3.29
CA LEU A 311 -24.34 5.75 3.79
C LEU A 311 -25.02 6.75 4.71
N LEU A 312 -24.27 7.32 5.64
CA LEU A 312 -24.82 8.30 6.57
C LEU A 312 -25.49 9.50 5.89
N ARG A 313 -24.93 9.96 4.79
CA ARG A 313 -25.55 11.02 4.00
C ARG A 313 -26.88 10.56 3.41
N LEU A 314 -26.95 9.29 3.02
CA LEU A 314 -28.12 8.76 2.35
C LEU A 314 -29.25 8.57 3.35
N VAL A 315 -28.87 8.20 4.56
CA VAL A 315 -29.80 8.15 5.67
C VAL A 315 -30.38 9.54 5.93
N ASP A 316 -29.52 10.55 6.02
CA ASP A 316 -30.00 11.90 6.26
C ASP A 316 -31.02 12.37 5.22
N GLU A 317 -30.85 11.93 3.97
CA GLU A 317 -31.79 12.28 2.91
C GLU A 317 -33.02 11.36 2.92
N ASN A 318 -33.14 10.54 3.96
CA ASN A 318 -34.24 9.57 4.03
C ASN A 318 -34.31 8.61 2.84
N LEU A 319 -33.16 8.24 2.28
CA LEU A 319 -33.13 7.31 1.17
C LEU A 319 -32.71 5.93 1.62
N LEU A 320 -32.36 5.79 2.88
CA LEU A 320 -31.79 4.54 3.35
C LEU A 320 -32.17 4.32 4.82
N PHE A 321 -32.60 3.09 5.13
CA PHE A 321 -32.91 2.71 6.51
C PHE A 321 -34.01 3.55 7.16
N HIS A 322 -34.94 4.08 6.34
CA HIS A 322 -35.98 4.97 6.83
C HIS A 322 -35.41 6.11 7.64
N GLY A 323 -34.29 6.66 7.21
CA GLY A 323 -33.72 7.82 7.89
C GLY A 323 -33.25 7.55 9.31
N GLU A 324 -33.22 6.29 9.69
CA GLU A 324 -32.76 5.91 11.02
C GLU A 324 -31.47 5.08 10.96
N ALA A 325 -30.40 5.60 11.55
CA ALA A 325 -29.13 4.87 11.57
C ALA A 325 -28.84 4.31 12.96
N SER A 326 -28.52 3.02 13.04
CA SER A 326 -28.12 2.42 14.30
C SER A 326 -26.93 3.19 14.89
N GLU A 327 -26.68 3.00 16.18
CA GLU A 327 -25.57 3.68 16.84
C GLU A 327 -24.25 3.12 16.31
N GLN A 328 -24.30 1.88 15.81
CA GLN A 328 -23.11 1.26 15.25
C GLN A 328 -22.67 1.96 13.98
N LEU A 329 -23.62 2.22 13.10
CA LEU A 329 -23.33 2.86 11.82
C LEU A 329 -22.82 4.26 12.07
N ARG A 330 -23.19 4.83 13.20
CA ARG A 330 -22.75 6.16 13.58
C ARG A 330 -21.42 6.08 14.34
N THR A 331 -20.91 4.86 14.49
CA THR A 331 -19.60 4.68 15.12
C THR A 331 -18.46 4.73 14.09
N ARG A 332 -17.47 5.57 14.37
CA ARG A 332 -16.32 5.71 13.49
C ARG A 332 -15.62 4.35 13.26
N GLY A 333 -15.41 4.01 12.00
CA GLY A 333 -14.72 2.77 11.65
C GLY A 333 -15.57 1.51 11.67
N ALA A 334 -16.86 1.63 11.96
CA ALA A 334 -17.72 0.44 12.08
C ALA A 334 -17.95 -0.27 10.74
N PHE A 335 -17.87 0.48 9.63
CA PHE A 335 -17.95 -0.13 8.30
C PHE A 335 -16.55 -0.47 7.80
N GLU A 336 -16.18 -1.74 7.94
CA GLU A 336 -14.86 -2.21 7.59
C GLU A 336 -14.67 -2.34 6.09
N THR A 337 -13.42 -2.24 5.66
CA THR A 337 -13.11 -2.28 4.25
C THR A 337 -13.39 -3.65 3.67
N ARG A 338 -13.22 -4.69 4.47
CA ARG A 338 -13.49 -6.03 3.97
C ARG A 338 -14.96 -6.18 3.57
N PHE A 339 -15.84 -5.42 4.21
CA PHE A 339 -17.26 -5.44 3.85
C PHE A 339 -17.42 -4.99 2.42
N VAL A 340 -16.69 -3.96 2.06
CA VAL A 340 -16.68 -3.47 0.69
C VAL A 340 -16.30 -4.62 -0.27
N SER A 341 -15.33 -5.45 0.11
CA SER A 341 -14.89 -6.52 -0.79
C SER A 341 -15.86 -7.69 -0.80
N GLN A 342 -16.64 -7.82 0.28
CA GLN A 342 -17.70 -8.82 0.36
C GLN A 342 -18.95 -8.35 -0.39
N VAL A 343 -18.85 -7.22 -1.10
CA VAL A 343 -19.96 -6.73 -1.91
C VAL A 343 -19.78 -7.07 -3.40
N LYS A 344 -20.73 -7.84 -3.90
CA LYS A 344 -20.81 -8.27 -5.30
C LYS A 344 -20.92 -7.09 -6.26
N SER A 345 -21.14 -7.40 -7.53
CA SER A 345 -21.21 -6.37 -8.57
C SER A 345 -21.96 -6.86 -9.79
N ASP A 346 -21.32 -7.75 -10.55
CA ASP A 346 -21.89 -8.30 -11.78
C ASP A 346 -23.11 -9.18 -11.49
N THR A 347 -23.22 -9.66 -10.26
CA THR A 347 -24.44 -10.34 -9.82
C THR A 347 -25.10 -9.49 -8.73
N GLY A 348 -26.43 -9.47 -8.74
CA GLY A 348 -27.16 -8.65 -7.82
C GLY A 348 -27.39 -9.35 -6.48
N ASP A 349 -26.45 -10.21 -6.11
CA ASP A 349 -26.50 -10.92 -4.83
C ASP A 349 -26.64 -9.94 -3.68
N ARG A 350 -27.64 -10.15 -2.80
CA ARG A 350 -27.87 -9.28 -1.65
C ARG A 350 -27.52 -9.95 -0.32
N LYS A 351 -27.28 -11.24 -0.36
CA LYS A 351 -27.04 -12.05 0.82
C LYS A 351 -25.98 -11.46 1.77
N GLN A 352 -24.76 -11.30 1.25
CA GLN A 352 -23.66 -10.79 2.06
C GLN A 352 -23.95 -9.42 2.67
N ILE A 353 -24.37 -8.48 1.83
CA ILE A 353 -24.76 -7.15 2.30
C ILE A 353 -25.81 -7.21 3.40
N TYR A 354 -26.84 -8.03 3.18
CA TYR A 354 -27.87 -8.18 4.20
C TYR A 354 -27.26 -8.62 5.52
N ASN A 355 -26.43 -9.65 5.51
CA ASN A 355 -25.75 -10.05 6.74
C ASN A 355 -24.89 -8.95 7.37
N ILE A 356 -24.05 -8.31 6.57
CA ILE A 356 -23.21 -7.22 7.08
C ILE A 356 -24.07 -6.20 7.79
N LEU A 357 -25.11 -5.74 7.10
CA LEU A 357 -25.93 -4.64 7.61
C LEU A 357 -26.75 -5.04 8.84
N SER A 358 -27.19 -6.31 8.87
CA SER A 358 -27.90 -6.82 10.05
C SER A 358 -26.99 -6.81 11.27
N THR A 359 -25.79 -7.32 11.12
CA THR A 359 -24.81 -7.31 12.19
C THR A 359 -24.54 -5.90 12.68
N LEU A 360 -24.67 -4.92 11.79
CA LEU A 360 -24.46 -3.53 12.18
C LEU A 360 -25.66 -2.97 12.92
N GLY A 361 -26.64 -3.84 13.18
CA GLY A 361 -27.82 -3.45 13.93
C GLY A 361 -28.84 -2.71 13.09
N LEU A 362 -28.97 -3.13 11.84
CA LEU A 362 -29.91 -2.52 10.93
C LEU A 362 -30.94 -3.55 10.50
N ARG A 363 -32.14 -3.08 10.16
CA ARG A 363 -33.13 -3.92 9.50
C ARG A 363 -33.25 -3.42 8.06
N PRO A 364 -32.42 -3.97 7.17
CA PRO A 364 -32.29 -3.63 5.76
C PRO A 364 -33.48 -4.12 4.91
N SER A 365 -33.95 -3.29 3.99
CA SER A 365 -34.90 -3.75 2.98
C SER A 365 -34.09 -4.26 1.79
N THR A 366 -34.76 -4.87 0.82
CA THR A 366 -34.10 -5.33 -0.37
C THR A 366 -33.49 -4.10 -1.04
N THR A 367 -34.16 -2.98 -0.91
CA THR A 367 -33.75 -1.76 -1.60
C THR A 367 -32.55 -1.12 -0.91
N ASP A 368 -32.54 -1.14 0.42
CA ASP A 368 -31.40 -0.69 1.18
C ASP A 368 -30.12 -1.42 0.73
N CYS A 369 -30.19 -2.75 0.61
CA CYS A 369 -29.08 -3.55 0.10
C CYS A 369 -28.54 -3.08 -1.26
N ASP A 370 -29.44 -2.88 -2.21
CA ASP A 370 -29.04 -2.42 -3.54
C ASP A 370 -28.34 -1.06 -3.49
N ILE A 371 -28.80 -0.20 -2.58
CA ILE A 371 -28.23 1.12 -2.43
C ILE A 371 -26.87 1.04 -1.76
N VAL A 372 -26.75 0.24 -0.71
CA VAL A 372 -25.46 0.03 -0.09
C VAL A 372 -24.45 -0.50 -1.13
N ARG A 373 -24.90 -1.37 -2.02
CA ARG A 373 -24.00 -1.92 -3.02
C ARG A 373 -23.51 -0.82 -3.97
N ARG A 374 -24.41 0.05 -4.40
CA ARG A 374 -24.03 1.18 -5.24
C ARG A 374 -23.06 2.13 -4.53
N ALA A 375 -23.29 2.40 -3.25
CA ALA A 375 -22.38 3.25 -2.53
C ALA A 375 -20.99 2.62 -2.55
N CYS A 376 -20.92 1.33 -2.24
CA CYS A 376 -19.67 0.57 -2.27
C CYS A 376 -18.97 0.61 -3.64
N GLU A 377 -19.74 0.35 -4.70
CA GLU A 377 -19.21 0.45 -6.05
C GLU A 377 -18.64 1.83 -6.34
N SER A 378 -19.36 2.87 -5.94
CA SER A 378 -18.97 4.24 -6.27
C SER A 378 -17.60 4.59 -5.67
N VAL A 379 -17.41 4.27 -4.39
CA VAL A 379 -16.20 4.59 -3.65
C VAL A 379 -15.02 3.75 -4.15
N SER A 380 -15.27 2.45 -4.26
CA SER A 380 -14.33 1.50 -4.79
C SER A 380 -13.90 1.86 -6.22
N THR A 381 -14.87 2.21 -7.06
CA THR A 381 -14.55 2.51 -8.45
C THR A 381 -13.72 3.80 -8.59
N ARG A 382 -13.98 4.80 -7.74
CA ARG A 382 -13.20 6.02 -7.79
C ARG A 382 -11.80 5.78 -7.25
N ALA A 383 -11.67 4.85 -6.30
CA ALA A 383 -10.36 4.42 -5.83
C ALA A 383 -9.56 3.82 -6.98
N ALA A 384 -10.17 2.91 -7.71
CA ALA A 384 -9.51 2.26 -8.84
C ALA A 384 -9.09 3.29 -9.88
N HIS A 385 -9.98 4.23 -10.18
CA HIS A 385 -9.70 5.22 -11.19
C HIS A 385 -8.55 6.15 -10.78
N MET A 386 -8.65 6.71 -9.58
CA MET A 386 -7.58 7.53 -9.02
C MET A 386 -6.25 6.78 -8.99
N CYS A 387 -6.27 5.54 -8.52
CA CYS A 387 -5.04 4.76 -8.47
C CYS A 387 -4.45 4.59 -9.88
N SER A 388 -5.31 4.52 -10.88
CA SER A 388 -4.84 4.20 -12.22
C SER A 388 -4.10 5.37 -12.82
N ALA A 389 -4.46 6.59 -12.42
CA ALA A 389 -3.78 7.76 -12.92
C ALA A 389 -2.35 7.85 -12.38
N GLY A 390 -2.15 7.37 -11.15
CA GLY A 390 -0.82 7.36 -10.56
C GLY A 390 0.08 6.37 -11.26
N LEU A 391 -0.40 5.14 -11.41
CA LEU A 391 0.41 4.14 -12.09
C LEU A 391 0.69 4.54 -13.56
N ALA A 392 -0.32 5.09 -14.22
CA ALA A 392 -0.16 5.53 -15.59
C ALA A 392 0.92 6.60 -15.66
N GLY A 393 0.88 7.56 -14.73
CA GLY A 393 1.86 8.63 -14.73
C GLY A 393 3.27 8.05 -14.66
N VAL A 394 3.42 7.07 -13.79
CA VAL A 394 4.69 6.40 -13.60
C VAL A 394 5.13 5.71 -14.87
N ILE A 395 4.26 4.87 -15.41
CA ILE A 395 4.63 4.06 -16.55
C ILE A 395 4.90 4.91 -17.79
N ASN A 396 4.03 5.88 -18.07
CA ASN A 396 4.30 6.80 -19.17
C ASN A 396 5.64 7.52 -19.02
N ARG A 397 5.99 7.89 -17.79
CA ARG A 397 7.26 8.57 -17.54
C ARG A 397 8.46 7.65 -17.85
N MET A 398 8.35 6.40 -17.44
CA MET A 398 9.38 5.41 -17.78
C MET A 398 9.53 5.24 -19.30
N ARG A 399 8.42 5.26 -20.02
CA ARG A 399 8.47 5.17 -21.46
C ARG A 399 9.24 6.35 -22.06
N GLU A 400 8.93 7.56 -21.61
CA GLU A 400 9.66 8.74 -22.03
C GLU A 400 11.14 8.66 -21.63
N SER A 401 11.41 8.31 -20.39
CA SER A 401 12.77 8.27 -19.88
C SER A 401 13.66 7.24 -20.58
N ARG A 402 13.06 6.13 -21.04
CA ARG A 402 13.83 5.11 -21.73
C ARG A 402 13.79 5.32 -23.25
N SER A 403 13.21 6.45 -23.66
CA SER A 403 12.98 6.75 -25.09
C SER A 403 12.57 5.54 -25.91
N GLU A 404 11.49 4.87 -25.53
CA GLU A 404 11.01 3.74 -26.30
C GLU A 404 9.69 4.10 -26.98
N ASP A 405 9.48 3.62 -28.20
CA ASP A 405 8.23 3.92 -28.89
C ASP A 405 7.11 3.08 -28.28
N VAL A 406 7.41 1.81 -28.04
CA VAL A 406 6.54 0.92 -27.30
C VAL A 406 7.33 0.31 -26.16
N MET A 407 6.82 0.45 -24.93
CA MET A 407 7.49 -0.15 -23.77
C MET A 407 6.71 -1.34 -23.22
N ARG A 408 7.38 -2.47 -23.07
CA ARG A 408 6.78 -3.65 -22.45
C ARG A 408 7.24 -3.73 -21.00
N ILE A 409 6.30 -3.70 -20.07
CA ILE A 409 6.65 -3.59 -18.65
C ILE A 409 5.75 -4.49 -17.82
N THR A 410 6.33 -5.11 -16.80
CA THR A 410 5.58 -5.91 -15.83
C THR A 410 5.51 -5.22 -14.47
N VAL A 411 4.31 -5.14 -13.93
CA VAL A 411 4.07 -4.52 -12.63
C VAL A 411 3.71 -5.58 -11.61
N GLY A 412 4.47 -5.64 -10.52
CA GLY A 412 4.18 -6.58 -9.45
C GLY A 412 3.29 -5.92 -8.39
N VAL A 413 2.17 -6.56 -8.08
CA VAL A 413 1.17 -5.98 -7.20
C VAL A 413 0.82 -6.86 -6.00
N ASP A 414 0.69 -6.21 -4.85
CA ASP A 414 0.30 -6.86 -3.62
C ASP A 414 -0.67 -5.96 -2.86
N GLY A 415 -1.21 -6.46 -1.75
CA GLY A 415 -2.09 -5.65 -0.96
C GLY A 415 -3.50 -6.16 -0.86
N VAL A 417 -6.36 -4.89 -0.84
CA VAL A 417 -7.42 -4.35 -1.67
C VAL A 417 -7.38 -4.84 -3.13
N TYR A 418 -6.21 -4.78 -3.73
CA TYR A 418 -6.07 -5.27 -5.10
C TYR A 418 -6.39 -6.78 -5.18
N LYS A 419 -5.95 -7.56 -4.19
CA LYS A 419 -6.13 -9.01 -4.21
C LYS A 419 -7.55 -9.48 -3.88
N LEU A 420 -8.20 -8.79 -2.96
CA LEU A 420 -9.49 -9.26 -2.47
C LEU A 420 -10.72 -8.48 -3.00
N HIS A 421 -10.49 -7.41 -3.75
CA HIS A 421 -11.61 -6.68 -4.34
C HIS A 421 -11.60 -6.93 -5.83
N PRO A 422 -12.46 -7.84 -6.30
CA PRO A 422 -12.47 -8.26 -7.70
C PRO A 422 -12.88 -7.12 -8.63
N SER A 423 -13.87 -6.35 -8.22
CA SER A 423 -14.32 -5.22 -9.03
C SER A 423 -13.18 -4.19 -9.17
N PHE A 424 -12.40 -3.99 -8.10
CA PHE A 424 -11.32 -3.01 -8.10
C PHE A 424 -10.30 -3.37 -9.18
N LYS A 425 -9.83 -4.61 -9.13
CA LYS A 425 -8.79 -5.08 -10.02
C LYS A 425 -9.14 -4.82 -11.48
N GLU A 426 -10.36 -5.17 -11.84
CA GLU A 426 -10.85 -5.03 -13.20
C GLU A 426 -10.96 -3.57 -13.62
N ARG A 427 -11.60 -2.75 -12.79
CA ARG A 427 -11.71 -1.33 -13.10
C ARG A 427 -10.31 -0.72 -13.19
N PHE A 428 -9.41 -1.20 -12.34
CA PHE A 428 -8.07 -0.61 -12.27
C PHE A 428 -7.29 -0.86 -13.56
N HIS A 429 -7.25 -2.13 -13.96
CA HIS A 429 -6.54 -2.55 -15.17
C HIS A 429 -7.02 -1.79 -16.40
N ALA A 430 -8.34 -1.72 -16.58
CA ALA A 430 -8.90 -1.08 -17.75
C ALA A 430 -8.52 0.38 -17.78
N SER A 431 -8.56 1.03 -16.61
CA SER A 431 -8.29 2.45 -16.60
C SER A 431 -6.81 2.74 -16.84
N VAL A 432 -5.93 2.02 -16.18
CA VAL A 432 -4.50 2.17 -16.41
C VAL A 432 -4.20 2.07 -17.90
N ARG A 433 -4.72 1.02 -18.53
CA ARG A 433 -4.47 0.77 -19.95
C ARG A 433 -4.96 1.86 -20.92
N ARG A 434 -6.13 2.45 -20.66
CA ARG A 434 -6.61 3.56 -21.49
C ARG A 434 -5.70 4.77 -21.36
N LEU A 435 -5.01 4.86 -20.23
CA LEU A 435 -4.18 6.02 -19.96
C LEU A 435 -2.72 5.82 -20.39
N THR A 436 -2.40 4.61 -20.84
CA THR A 436 -1.02 4.28 -21.22
C THR A 436 -0.85 3.77 -22.66
N PRO A 437 -1.12 4.64 -23.65
CA PRO A 437 -0.95 4.23 -25.04
C PRO A 437 0.50 3.81 -25.34
N SER A 438 0.69 2.77 -26.14
CA SER A 438 2.03 2.32 -26.54
C SER A 438 2.87 1.78 -25.36
N CYS A 439 2.20 1.22 -24.35
CA CYS A 439 2.85 0.43 -23.31
C CYS A 439 2.12 -0.89 -23.22
N GLU A 440 2.86 -2.00 -23.21
CA GLU A 440 2.23 -3.30 -23.00
C GLU A 440 2.43 -3.73 -21.56
N ILE A 441 1.37 -3.66 -20.77
CA ILE A 441 1.50 -3.85 -19.32
C ILE A 441 1.02 -5.22 -18.87
N THR A 442 1.91 -5.95 -18.21
CA THR A 442 1.54 -7.21 -17.61
C THR A 442 1.45 -6.99 -16.10
N PHE A 443 0.36 -7.48 -15.50
CA PHE A 443 0.19 -7.46 -14.05
C PHE A 443 0.34 -8.85 -13.46
N ILE A 444 1.15 -8.97 -12.41
CA ILE A 444 1.21 -10.19 -11.63
C ILE A 444 1.05 -9.99 -10.10
N GLU A 445 0.28 -10.87 -9.48
CA GLU A 445 0.11 -10.86 -8.04
C GLU A 445 1.24 -11.64 -7.41
N SER A 446 2.06 -10.95 -6.61
CA SER A 446 3.13 -11.62 -5.90
C SER A 446 2.52 -12.55 -4.86
N GLU A 447 3.27 -13.58 -4.48
CA GLU A 447 2.82 -14.45 -3.42
C GLU A 447 3.83 -14.30 -2.29
N GLU A 448 3.39 -13.84 -1.13
CA GLU A 448 4.31 -13.55 -0.04
C GLU A 448 5.40 -12.61 -0.52
N GLY A 449 5.02 -11.64 -1.33
CA GLY A 449 5.96 -10.74 -1.96
C GLY A 449 6.85 -10.02 -0.97
N SER A 450 6.26 -9.59 0.16
CA SER A 450 7.01 -8.84 1.17
C SER A 450 8.05 -9.73 1.82
N GLY A 451 7.61 -10.85 2.39
CA GLY A 451 8.54 -11.78 3.01
C GLY A 451 9.66 -12.21 2.07
N ARG A 452 9.29 -12.69 0.89
CA ARG A 452 10.28 -13.24 0.00
C ARG A 452 11.20 -12.14 -0.53
N GLY A 453 10.62 -11.02 -0.93
CA GLY A 453 11.39 -9.91 -1.45
C GLY A 453 12.46 -9.47 -0.48
N ALA A 454 12.11 -9.45 0.80
CA ALA A 454 13.06 -9.00 1.82
C ALA A 454 14.22 -9.96 2.02
N ALA A 455 13.96 -11.26 1.89
CA ALA A 455 14.99 -12.29 2.07
C ALA A 455 15.97 -12.22 0.93
N LEU A 456 15.45 -12.02 -0.28
CA LEU A 456 16.27 -11.86 -1.46
C LEU A 456 17.22 -10.68 -1.33
N VAL A 457 16.72 -9.58 -0.80
CA VAL A 457 17.61 -8.44 -0.57
C VAL A 457 18.60 -8.76 0.55
N SER A 458 18.15 -9.47 1.58
CA SER A 458 19.05 -9.86 2.65
C SER A 458 20.16 -10.77 2.15
N ALA A 459 19.83 -11.58 1.14
CA ALA A 459 20.78 -12.55 0.60
C ALA A 459 21.93 -11.84 -0.10
N VAL A 460 21.58 -10.82 -0.90
CA VAL A 460 22.59 -10.04 -1.59
C VAL A 460 23.41 -9.21 -0.60
N ALA A 461 22.82 -8.85 0.53
CA ALA A 461 23.50 -8.03 1.53
C ALA A 461 24.48 -8.82 2.39
N CYS A 462 24.11 -10.06 2.68
CA CYS A 462 24.96 -10.96 3.47
C CYS A 462 26.28 -11.32 2.80
N LYS A 463 26.29 -11.28 1.46
CA LYS A 463 27.46 -11.68 0.70
C LYS A 463 28.59 -10.67 0.87
N LYS A 464 29.28 -10.74 2.01
CA LYS A 464 30.41 -9.87 2.33
C LYS A 464 31.54 -10.66 2.99
#